data_6GY1
#
_entry.id   6GY1
#
_cell.length_a   50.410
_cell.length_b   50.410
_cell.length_c   168.332
_cell.angle_alpha   90.000
_cell.angle_beta   90.000
_cell.angle_gamma   120.000
#
_symmetry.space_group_name_H-M   'P 32 2 1'
#
loop_
_entity.id
_entity.type
_entity.pdbx_description
1 polymer 'Catechol O-methyltransferase'
2 non-polymer 'MAGNESIUM ION'
3 non-polymer S-ADENOSYL-L-HOMOCYSTEINE
4 non-polymer 7-fluoranyl-5-(4-methylphenyl)sulfonyl-quinolin-8-ol
5 non-polymer 'DIMETHYL SULFOXIDE'
6 water water
#
_entity_poly.entity_id   1
_entity_poly.type   'polypeptide(L)'
_entity_poly.pdbx_seq_one_letter_code
;GSMGDTKEQRILRYVQQNAKPGDPQSVLEAIDTYCTQKEWAMNVGDAKGQIMDAVIREYSPSLVLELGAYCGYSAVRMAR
LLQPGARLLTMEMNPDYAAITQQMLNFAGLQDKVTILNGASQDLIPQLKKKYDVDTLDMVFLDHWKDRYLPDTLLLEKCG
LLRKGTVLLADNVIVPGTPDFLAYVRGSSSFECTHYSSYLEYMKVVDGLEKAIYQGPSSPDKS
;
_entity_poly.pdbx_strand_id   A
#
loop_
_chem_comp.id
_chem_comp.type
_chem_comp.name
_chem_comp.formula
DMS non-polymer 'DIMETHYL SULFOXIDE' 'C2 H6 O S'
FGQ non-polymer 7-fluoranyl-5-(4-methylphenyl)sulfonyl-quinolin-8-ol 'C16 H12 F N O3 S'
MG non-polymer 'MAGNESIUM ION' 'Mg 2'
SAH non-polymer S-ADENOSYL-L-HOMOCYSTEINE 'C14 H20 N6 O5 S'
#
# COMPACT_ATOMS: atom_id res chain seq x y z
N ASP A 5 5.63 24.28 7.12
CA ASP A 5 5.79 23.59 5.84
C ASP A 5 6.57 22.27 5.96
N THR A 6 5.90 21.15 5.68
CA THR A 6 6.51 19.82 5.74
C THR A 6 6.87 19.34 4.34
N LYS A 7 7.71 18.31 4.30
CA LYS A 7 8.02 17.66 3.03
C LYS A 7 6.76 17.10 2.37
N GLU A 8 5.82 16.60 3.16
CA GLU A 8 4.59 16.03 2.60
C GLU A 8 3.72 17.11 1.98
N GLN A 9 3.64 18.30 2.60
CA GLN A 9 2.91 19.39 1.98
C GLN A 9 3.60 19.87 0.71
N ARG A 10 4.94 19.94 0.71
CA ARG A 10 5.65 20.32 -0.50
C ARG A 10 5.41 19.33 -1.63
N ILE A 11 5.24 18.05 -1.31
CA ILE A 11 4.93 17.07 -2.34
C ILE A 11 3.52 17.29 -2.89
N LEU A 12 2.54 17.46 -2.00
CA LEU A 12 1.18 17.73 -2.44
C LEU A 12 1.11 18.97 -3.30
N ARG A 13 1.81 20.05 -2.88
CA ARG A 13 1.83 21.28 -3.65
C ARG A 13 2.40 21.07 -5.04
N TYR A 14 3.48 20.30 -5.14
CA TYR A 14 4.10 20.07 -6.45
C TYR A 14 3.14 19.32 -7.36
N VAL A 15 2.39 18.37 -6.80
CA VAL A 15 1.36 17.67 -7.57
C VAL A 15 0.28 18.66 -8.04
N GLN A 16 -0.28 19.45 -7.13
CA GLN A 16 -1.32 20.41 -7.51
C GLN A 16 -0.83 21.37 -8.57
N GLN A 17 0.44 21.77 -8.52
CA GLN A 17 0.98 22.72 -9.47
C GLN A 17 1.42 22.10 -10.79
N ASN A 18 1.60 20.78 -10.85
CA ASN A 18 2.19 20.20 -12.04
C ASN A 18 1.40 19.04 -12.63
N ALA A 19 0.59 18.36 -11.84
CA ALA A 19 -0.10 17.19 -12.35
C ALA A 19 -1.43 17.60 -13.02
N LYS A 20 -1.92 16.72 -13.88
CA LYS A 20 -3.22 16.95 -14.49
C LYS A 20 -4.32 16.45 -13.56
N PRO A 21 -5.29 17.29 -13.18
CA PRO A 21 -6.30 16.84 -12.23
C PRO A 21 -7.09 15.65 -12.78
N GLY A 22 -7.54 14.78 -11.87
CA GLY A 22 -8.24 13.57 -12.27
C GLY A 22 -7.45 12.59 -13.10
N ASP A 23 -6.12 12.76 -13.22
CA ASP A 23 -5.29 11.89 -14.03
C ASP A 23 -4.31 11.16 -13.11
N PRO A 24 -4.63 9.93 -12.66
CA PRO A 24 -3.77 9.28 -11.65
C PRO A 24 -2.36 9.04 -12.13
N GLN A 25 -2.18 8.68 -13.40
CA GLN A 25 -0.84 8.50 -13.93
C GLN A 25 0.01 9.76 -13.76
N SER A 26 -0.56 10.93 -14.07
CA SER A 26 0.24 12.15 -13.99
C SER A 26 0.52 12.54 -12.55
N VAL A 27 -0.40 12.24 -11.63
CA VAL A 27 -0.14 12.41 -10.21
C VAL A 27 1.06 11.54 -9.80
N LEU A 28 1.08 10.28 -10.25
CA LEU A 28 2.20 9.38 -9.93
C LEU A 28 3.51 9.92 -10.46
N GLU A 29 3.55 10.27 -11.75
CA GLU A 29 4.77 10.77 -12.35
C GLU A 29 5.23 12.07 -11.71
N ALA A 30 4.29 12.86 -11.17
CA ALA A 30 4.68 14.12 -10.53
C ALA A 30 5.33 13.88 -9.17
N ILE A 31 4.78 12.97 -8.37
CA ILE A 31 5.41 12.58 -7.11
C ILE A 31 6.80 11.99 -7.36
N ASP A 32 6.90 11.08 -8.33
CA ASP A 32 8.21 10.48 -8.60
C ASP A 32 9.23 11.50 -9.08
N THR A 33 8.80 12.49 -9.87
CA THR A 33 9.72 13.51 -10.33
C THR A 33 10.22 14.36 -9.16
N TYR A 34 9.31 14.82 -8.30
CA TYR A 34 9.72 15.66 -7.18
C TYR A 34 10.66 14.92 -6.24
N CYS A 35 10.39 13.64 -5.98
CA CYS A 35 11.22 12.88 -5.05
C CYS A 35 12.53 12.42 -5.66
N THR A 36 12.62 12.37 -7.00
CA THR A 36 13.86 12.07 -7.69
C THR A 36 14.76 13.29 -7.82
N GLN A 37 14.17 14.49 -7.90
CA GLN A 37 14.93 15.70 -8.18
C GLN A 37 15.10 16.62 -6.98
N LYS A 38 14.26 16.54 -5.96
CA LYS A 38 14.33 17.49 -4.86
C LYS A 38 14.45 16.82 -3.49
N GLU A 39 13.51 15.97 -3.10
CA GLU A 39 13.52 15.38 -1.76
C GLU A 39 13.12 13.91 -1.85
N TRP A 40 14.03 13.02 -1.43
CA TRP A 40 13.66 11.61 -1.29
C TRP A 40 12.52 11.45 -0.28
N ALA A 41 11.65 10.46 -0.54
CA ALA A 41 10.49 10.23 0.30
C ALA A 41 10.11 8.75 0.19
N MET A 42 9.42 8.25 1.20
CA MET A 42 9.20 6.80 1.30
C MET A 42 7.98 6.30 0.52
N ASN A 43 7.73 6.83 -0.67
CA ASN A 43 6.75 6.23 -1.58
C ASN A 43 7.28 4.92 -2.11
N VAL A 44 6.37 3.97 -2.42
CA VAL A 44 6.87 2.69 -2.95
C VAL A 44 7.67 2.90 -4.23
N GLY A 45 7.37 3.96 -4.99
CA GLY A 45 8.17 4.31 -6.14
C GLY A 45 7.67 3.65 -7.41
N ASP A 46 8.33 4.01 -8.51
CA ASP A 46 7.95 3.52 -9.83
C ASP A 46 8.50 2.12 -10.14
N ALA A 47 9.73 1.80 -9.72
CA ALA A 47 10.28 0.47 -10.02
C ALA A 47 9.50 -0.63 -9.33
N LYS A 48 9.29 -0.49 -8.01
CA LYS A 48 8.45 -1.44 -7.30
C LYS A 48 6.99 -1.24 -7.64
N GLY A 49 6.59 0.00 -7.93
CA GLY A 49 5.23 0.27 -8.35
C GLY A 49 4.82 -0.51 -9.59
N GLN A 50 5.73 -0.64 -10.57
CA GLN A 50 5.44 -1.42 -11.77
C GLN A 50 5.20 -2.89 -11.46
N ILE A 51 5.92 -3.46 -10.48
CA ILE A 51 5.64 -4.82 -10.07
C ILE A 51 4.27 -4.90 -9.40
N MET A 52 3.98 -3.94 -8.51
CA MET A 52 2.65 -3.81 -7.92
C MET A 52 1.55 -3.81 -8.98
N ASP A 53 1.69 -2.93 -9.98
CA ASP A 53 0.71 -2.88 -11.08
C ASP A 53 0.49 -4.27 -11.67
N ALA A 54 1.59 -4.99 -11.97
CA ALA A 54 1.49 -6.32 -12.58
C ALA A 54 0.76 -7.30 -11.68
N VAL A 55 1.05 -7.30 -10.37
CA VAL A 55 0.34 -8.16 -9.42
C VAL A 55 -1.15 -7.80 -9.37
N ILE A 56 -1.47 -6.50 -9.31
CA ILE A 56 -2.86 -6.07 -9.24
C ILE A 56 -3.64 -6.56 -10.46
N ARG A 57 -3.10 -6.30 -11.66
CA ARG A 57 -3.76 -6.77 -12.89
C ARG A 57 -3.93 -8.29 -12.90
N GLU A 58 -2.96 -9.04 -12.37
CA GLU A 58 -3.14 -10.49 -12.37
C GLU A 58 -4.36 -10.91 -11.55
N TYR A 59 -4.50 -10.37 -10.32
CA TYR A 59 -5.52 -10.86 -9.39
C TYR A 59 -6.82 -10.07 -9.37
N SER A 60 -6.89 -8.89 -9.97
CA SER A 60 -8.10 -8.07 -10.05
C SER A 60 -8.88 -8.03 -8.73
N PRO A 61 -8.24 -7.66 -7.61
CA PRO A 61 -8.92 -7.75 -6.32
C PRO A 61 -10.12 -6.82 -6.25
N SER A 62 -11.20 -7.30 -5.61
CA SER A 62 -12.34 -6.44 -5.37
C SER A 62 -12.15 -5.58 -4.13
N LEU A 63 -11.46 -6.10 -3.11
CA LEU A 63 -11.27 -5.39 -1.85
C LEU A 63 -9.80 -5.48 -1.44
N VAL A 64 -9.14 -4.33 -1.40
CA VAL A 64 -7.72 -4.25 -1.06
C VAL A 64 -7.56 -3.50 0.27
N LEU A 65 -6.72 -4.04 1.16
CA LEU A 65 -6.33 -3.32 2.37
C LEU A 65 -4.88 -2.86 2.25
N GLU A 66 -4.63 -1.59 2.51
CA GLU A 66 -3.30 -1.03 2.54
C GLU A 66 -2.92 -0.67 3.97
N LEU A 67 -1.71 -1.03 4.38
CA LEU A 67 -1.20 -0.70 5.70
C LEU A 67 -0.10 0.33 5.49
N GLY A 68 -0.42 1.60 5.78
CA GLY A 68 0.52 2.69 5.55
C GLY A 68 0.24 3.46 4.27
N ALA A 69 -0.33 4.66 4.36
CA ALA A 69 -0.65 5.45 3.18
C ALA A 69 0.40 6.52 2.89
N TYR A 70 0.89 7.19 3.93
CA TYR A 70 1.84 8.29 3.80
C TYR A 70 1.24 9.44 3.01
N CYS A 71 1.67 9.65 1.76
CA CYS A 71 1.11 10.73 0.93
C CYS A 71 0.11 10.25 -0.11
N GLY A 72 -0.22 8.96 -0.12
CA GLY A 72 -1.20 8.42 -1.06
C GLY A 72 -0.63 7.84 -2.34
N TYR A 73 0.69 7.87 -2.54
CA TYR A 73 1.26 7.39 -3.80
C TYR A 73 0.82 5.97 -4.12
N SER A 74 1.01 5.03 -3.17
CA SER A 74 0.67 3.64 -3.45
C SER A 74 -0.83 3.44 -3.53
N ALA A 75 -1.63 4.20 -2.76
CA ALA A 75 -3.08 4.08 -2.91
C ALA A 75 -3.54 4.56 -4.29
N VAL A 76 -2.97 5.66 -4.77
CA VAL A 76 -3.25 6.12 -6.11
C VAL A 76 -2.78 5.08 -7.13
N ARG A 77 -1.63 4.44 -6.87
CA ARG A 77 -1.12 3.43 -7.79
C ARG A 77 -2.08 2.26 -7.93
N MET A 78 -2.60 1.75 -6.81
CA MET A 78 -3.48 0.59 -6.83
C MET A 78 -4.90 0.96 -7.25
N ALA A 79 -5.46 2.05 -6.70
CA ALA A 79 -6.87 2.36 -6.96
C ALA A 79 -7.14 2.64 -8.44
N ARG A 80 -6.21 3.30 -9.12
CA ARG A 80 -6.36 3.57 -10.55
C ARG A 80 -6.41 2.29 -11.39
N LEU A 81 -6.09 1.12 -10.84
CA LEU A 81 -6.16 -0.13 -11.56
C LEU A 81 -7.32 -1.01 -11.11
N LEU A 82 -8.12 -0.57 -10.14
CA LEU A 82 -9.19 -1.42 -9.65
C LEU A 82 -10.37 -1.41 -10.62
N GLN A 83 -11.08 -2.54 -10.69
CA GLN A 83 -12.26 -2.62 -11.54
C GLN A 83 -13.33 -1.66 -11.01
N PRO A 84 -14.34 -1.34 -11.82
CA PRO A 84 -15.44 -0.51 -11.30
C PRO A 84 -16.13 -1.23 -10.13
N GLY A 85 -16.36 -0.48 -9.05
CA GLY A 85 -16.93 -1.04 -7.85
C GLY A 85 -15.94 -1.74 -6.93
N ALA A 86 -14.66 -1.82 -7.28
CA ALA A 86 -13.68 -2.35 -6.35
C ALA A 86 -13.28 -1.26 -5.36
N ARG A 87 -12.87 -1.68 -4.16
CA ARG A 87 -12.59 -0.78 -3.06
C ARG A 87 -11.16 -0.98 -2.55
N LEU A 88 -10.53 0.12 -2.16
CA LEU A 88 -9.28 0.14 -1.40
C LEU A 88 -9.52 0.81 -0.07
N LEU A 89 -9.10 0.17 1.01
CA LEU A 89 -9.11 0.78 2.34
C LEU A 89 -7.66 0.95 2.78
N THR A 90 -7.30 2.14 3.26
CA THR A 90 -5.92 2.38 3.66
C THR A 90 -5.86 2.97 5.06
N MET A 91 -5.05 2.32 5.90
CA MET A 91 -4.89 2.66 7.31
C MET A 91 -3.63 3.53 7.47
N GLU A 92 -3.78 4.66 8.14
CA GLU A 92 -2.68 5.62 8.33
C GLU A 92 -2.82 6.25 9.71
N MET A 93 -1.81 6.09 10.57
CA MET A 93 -1.94 6.55 11.95
C MET A 93 -1.48 7.99 12.16
N ASN A 94 -0.79 8.58 11.19
CA ASN A 94 -0.34 9.95 11.29
C ASN A 94 -1.39 10.88 10.67
N PRO A 95 -2.07 11.74 11.45
CA PRO A 95 -3.16 12.55 10.88
C PRO A 95 -2.70 13.58 9.86
N ASP A 96 -1.49 14.13 10.03
CA ASP A 96 -0.94 14.98 8.97
C ASP A 96 -0.83 14.23 7.65
N TYR A 97 -0.23 13.04 7.69
CA TYR A 97 -0.11 12.22 6.49
C TYR A 97 -1.46 11.85 5.91
N ALA A 98 -2.41 11.43 6.76
CA ALA A 98 -3.71 11.01 6.24
C ALA A 98 -4.44 12.16 5.55
N ALA A 99 -4.21 13.38 6.02
CA ALA A 99 -4.84 14.53 5.39
C ALA A 99 -4.19 14.84 4.05
N ILE A 100 -2.87 14.65 3.96
CA ILE A 100 -2.19 14.78 2.67
C ILE A 100 -2.70 13.71 1.70
N THR A 101 -2.88 12.48 2.19
CA THR A 101 -3.35 11.37 1.35
C THR A 101 -4.75 11.63 0.81
N GLN A 102 -5.67 12.10 1.67
CA GLN A 102 -7.01 12.45 1.19
C GLN A 102 -6.96 13.50 0.10
N GLN A 103 -6.13 14.54 0.27
CA GLN A 103 -6.03 15.57 -0.75
C GLN A 103 -5.44 15.01 -2.03
N MET A 104 -4.46 14.12 -1.92
CA MET A 104 -3.87 13.51 -3.11
C MET A 104 -4.89 12.66 -3.86
N LEU A 105 -5.67 11.85 -3.13
CA LEU A 105 -6.74 11.09 -3.73
C LEU A 105 -7.77 11.99 -4.41
N ASN A 106 -8.16 13.08 -3.75
CA ASN A 106 -9.12 14.01 -4.33
C ASN A 106 -8.61 14.57 -5.66
N PHE A 107 -7.35 14.99 -5.69
CA PHE A 107 -6.77 15.54 -6.91
C PHE A 107 -6.73 14.50 -8.03
N ALA A 108 -6.46 13.24 -7.70
CA ALA A 108 -6.36 12.22 -8.73
C ALA A 108 -7.72 11.71 -9.20
N GLY A 109 -8.81 12.11 -8.55
CA GLY A 109 -10.12 11.64 -8.94
C GLY A 109 -10.46 10.28 -8.41
N LEU A 110 -9.74 9.81 -7.39
CA LEU A 110 -9.93 8.47 -6.88
C LEU A 110 -10.65 8.44 -5.53
N GLN A 111 -11.20 9.59 -5.08
CA GLN A 111 -11.85 9.65 -3.77
C GLN A 111 -12.94 8.60 -3.62
N ASP A 112 -13.69 8.32 -4.69
CA ASP A 112 -14.82 7.40 -4.57
C ASP A 112 -14.39 5.97 -4.31
N LYS A 113 -13.16 5.60 -4.69
CA LYS A 113 -12.69 4.22 -4.54
C LYS A 113 -11.93 3.95 -3.24
N VAL A 114 -11.36 4.98 -2.62
CA VAL A 114 -10.44 4.82 -1.49
C VAL A 114 -11.08 5.38 -0.24
N THR A 115 -11.02 4.61 0.84
CA THR A 115 -11.48 5.05 2.15
C THR A 115 -10.28 5.10 3.08
N ILE A 116 -10.00 6.28 3.62
CA ILE A 116 -8.91 6.41 4.57
C ILE A 116 -9.43 6.03 5.94
N LEU A 117 -8.68 5.17 6.62
CA LEU A 117 -8.96 4.76 7.99
C LEU A 117 -7.90 5.38 8.88
N ASN A 118 -8.29 6.40 9.64
CA ASN A 118 -7.35 7.12 10.50
C ASN A 118 -7.11 6.33 11.77
N GLY A 119 -5.86 5.95 11.99
CA GLY A 119 -5.51 5.20 13.18
C GLY A 119 -4.40 4.19 12.94
N ALA A 120 -4.09 3.42 13.97
CA ALA A 120 -3.07 2.38 13.90
C ALA A 120 -3.72 1.07 13.49
N SER A 121 -3.10 0.41 12.50
CA SER A 121 -3.59 -0.89 12.03
C SER A 121 -3.99 -1.81 13.18
N GLN A 122 -3.18 -1.91 14.24
CA GLN A 122 -3.50 -2.91 15.25
C GLN A 122 -4.83 -2.60 15.94
N ASP A 123 -5.21 -1.33 15.99
CA ASP A 123 -6.50 -0.93 16.53
C ASP A 123 -7.62 -1.03 15.50
N LEU A 124 -7.32 -0.71 14.24
CA LEU A 124 -8.37 -0.61 13.22
C LEU A 124 -8.72 -1.97 12.64
N ILE A 125 -7.75 -2.90 12.58
CA ILE A 125 -7.99 -4.20 11.95
C ILE A 125 -9.14 -4.96 12.60
N PRO A 126 -9.26 -5.05 13.92
CA PRO A 126 -10.41 -5.76 14.50
C PRO A 126 -11.75 -5.07 14.26
N GLN A 127 -11.78 -3.87 13.69
CA GLN A 127 -13.06 -3.19 13.46
C GLN A 127 -13.47 -3.22 11.99
N LEU A 128 -12.69 -3.89 11.14
CA LEU A 128 -12.96 -3.87 9.71
C LEU A 128 -14.32 -4.49 9.38
N LYS A 129 -14.59 -5.66 9.94
CA LYS A 129 -15.85 -6.33 9.65
C LYS A 129 -17.04 -5.47 10.07
N LYS A 130 -17.05 -4.98 11.32
CA LYS A 130 -18.24 -4.28 11.80
C LYS A 130 -18.40 -2.93 11.11
N LYS A 131 -17.37 -2.09 11.10
CA LYS A 131 -17.51 -0.71 10.69
C LYS A 131 -17.32 -0.49 9.19
N TYR A 132 -16.89 -1.50 8.44
CA TYR A 132 -16.73 -1.28 7.01
C TYR A 132 -17.30 -2.41 6.16
N ASP A 133 -18.07 -3.32 6.75
CA ASP A 133 -18.73 -4.43 6.05
C ASP A 133 -17.73 -5.17 5.15
N VAL A 134 -16.80 -5.81 5.83
CA VAL A 134 -15.76 -6.60 5.18
C VAL A 134 -15.99 -8.04 5.58
N ASP A 135 -16.07 -8.92 4.60
CA ASP A 135 -16.00 -10.33 4.86
C ASP A 135 -14.52 -10.73 4.96
N THR A 136 -13.90 -11.01 3.82
CA THR A 136 -12.47 -11.29 3.75
C THR A 136 -11.81 -10.35 2.74
N LEU A 137 -10.49 -10.21 2.86
CA LEU A 137 -9.74 -9.35 1.96
C LEU A 137 -9.22 -10.16 0.77
N ASP A 138 -9.23 -9.53 -0.40
CA ASP A 138 -8.63 -10.12 -1.60
C ASP A 138 -7.14 -9.84 -1.69
N MET A 139 -6.71 -8.67 -1.25
CA MET A 139 -5.29 -8.36 -1.29
C MET A 139 -4.95 -7.43 -0.14
N VAL A 140 -3.73 -7.57 0.37
CA VAL A 140 -3.20 -6.68 1.41
C VAL A 140 -1.84 -6.13 0.98
N PHE A 141 -1.69 -4.82 1.00
CA PHE A 141 -0.40 -4.19 0.77
C PHE A 141 0.17 -3.71 2.10
N LEU A 142 1.28 -4.35 2.54
CA LEU A 142 1.91 -4.04 3.81
C LEU A 142 3.10 -3.12 3.57
N ASP A 143 3.05 -1.92 4.15
CA ASP A 143 4.05 -0.91 3.88
C ASP A 143 4.06 0.11 5.01
N HIS A 144 3.84 -0.34 6.24
CA HIS A 144 3.95 0.53 7.40
C HIS A 144 5.26 0.24 8.14
N TRP A 145 5.28 0.36 9.48
CA TRP A 145 6.49 0.08 10.23
C TRP A 145 6.79 -1.41 10.20
N LYS A 146 8.06 -1.74 9.97
CA LYS A 146 8.44 -3.11 9.64
C LYS A 146 8.22 -4.07 10.80
N ASP A 147 8.26 -3.58 12.04
CA ASP A 147 8.03 -4.47 13.16
C ASP A 147 6.55 -4.87 13.30
N ARG A 148 5.67 -4.31 12.48
CA ARG A 148 4.26 -4.67 12.51
C ARG A 148 3.82 -5.60 11.40
N TYR A 149 4.66 -5.91 10.41
CA TYR A 149 4.22 -6.84 9.36
C TYR A 149 3.74 -8.16 9.95
N LEU A 150 4.59 -8.81 10.77
CA LEU A 150 4.21 -10.11 11.31
C LEU A 150 3.06 -10.01 12.31
N PRO A 151 3.08 -9.12 13.31
CA PRO A 151 1.91 -9.00 14.21
C PRO A 151 0.59 -8.71 13.49
N ASP A 152 0.59 -7.79 12.51
CA ASP A 152 -0.65 -7.49 11.78
C ASP A 152 -1.09 -8.66 10.90
N THR A 153 -0.14 -9.43 10.35
CA THR A 153 -0.54 -10.63 9.62
C THR A 153 -1.24 -11.62 10.55
N LEU A 154 -0.68 -11.83 11.74
CA LEU A 154 -1.31 -12.73 12.69
C LEU A 154 -2.67 -12.18 13.12
N LEU A 155 -2.77 -10.86 13.27
CA LEU A 155 -4.04 -10.24 13.64
C LEU A 155 -5.08 -10.39 12.52
N LEU A 156 -4.70 -10.17 11.26
CA LEU A 156 -5.64 -10.36 10.16
C LEU A 156 -6.20 -11.77 10.16
N GLU A 157 -5.35 -12.77 10.36
CA GLU A 157 -5.80 -14.16 10.37
C GLU A 157 -6.72 -14.41 11.54
N LYS A 158 -6.35 -13.89 12.72
CA LYS A 158 -7.16 -14.06 13.92
C LYS A 158 -8.57 -13.48 13.74
N CYS A 159 -8.67 -12.33 13.09
CA CYS A 159 -9.96 -11.67 12.88
C CYS A 159 -10.75 -12.24 11.70
N GLY A 160 -10.33 -13.38 11.14
CA GLY A 160 -11.05 -13.96 10.03
C GLY A 160 -11.07 -13.14 8.75
N LEU A 161 -10.06 -12.28 8.53
CA LEU A 161 -10.06 -11.44 7.33
C LEU A 161 -9.34 -12.08 6.15
N LEU A 162 -8.68 -13.21 6.35
CA LEU A 162 -7.96 -13.87 5.27
C LEU A 162 -8.77 -15.06 4.76
N ARG A 163 -8.66 -15.33 3.46
CA ARG A 163 -9.23 -16.53 2.87
C ARG A 163 -8.18 -17.19 1.99
N LYS A 164 -8.49 -18.39 1.52
CA LYS A 164 -7.66 -19.08 0.54
C LYS A 164 -7.50 -18.20 -0.69
N GLY A 165 -6.26 -17.89 -1.05
CA GLY A 165 -5.96 -17.02 -2.18
C GLY A 165 -5.79 -15.55 -1.86
N THR A 166 -6.05 -15.12 -0.62
CA THR A 166 -5.75 -13.74 -0.24
C THR A 166 -4.27 -13.44 -0.51
N VAL A 167 -4.01 -12.40 -1.28
CA VAL A 167 -2.66 -12.04 -1.67
C VAL A 167 -2.13 -11.00 -0.69
N LEU A 168 -1.11 -11.37 0.09
CA LEU A 168 -0.33 -10.38 0.84
C LEU A 168 0.86 -9.98 -0.01
N LEU A 169 1.06 -8.68 -0.17
CA LEU A 169 2.18 -8.13 -0.91
C LEU A 169 2.92 -7.17 0.03
N ALA A 170 4.19 -7.46 0.31
CA ALA A 170 4.95 -6.77 1.34
C ALA A 170 6.09 -5.96 0.74
N ASP A 171 6.14 -4.67 1.04
CA ASP A 171 7.25 -3.83 0.60
C ASP A 171 8.43 -3.95 1.57
N ASN A 172 9.62 -3.60 1.09
CA ASN A 172 10.77 -3.37 1.96
C ASN A 172 11.21 -4.65 2.68
N VAL A 173 11.06 -5.80 2.02
CA VAL A 173 11.46 -7.03 2.73
C VAL A 173 12.97 -7.20 2.78
N ILE A 174 13.72 -6.48 1.96
CA ILE A 174 15.18 -6.41 2.04
C ILE A 174 15.64 -5.14 2.75
N VAL A 175 15.20 -3.96 2.31
CA VAL A 175 15.62 -2.71 2.91
C VAL A 175 14.40 -1.86 3.22
N PRO A 176 14.21 -1.42 4.48
CA PRO A 176 15.09 -1.74 5.62
C PRO A 176 14.99 -3.19 6.12
N GLY A 177 14.04 -3.96 5.62
CA GLY A 177 13.98 -5.37 5.97
C GLY A 177 12.84 -5.66 6.94
N THR A 178 12.27 -6.85 6.82
CA THR A 178 11.21 -7.35 7.69
C THR A 178 11.53 -8.81 8.01
N PRO A 179 12.62 -9.05 8.76
CA PRO A 179 13.14 -10.42 8.82
C PRO A 179 12.19 -11.41 9.46
N ASP A 180 11.55 -11.07 10.59
CA ASP A 180 10.64 -12.02 11.22
C ASP A 180 9.44 -12.32 10.33
N PHE A 181 8.81 -11.30 9.73
CA PHE A 181 7.72 -11.55 8.78
C PHE A 181 8.19 -12.48 7.66
N LEU A 182 9.30 -12.13 7.02
CA LEU A 182 9.79 -12.90 5.90
C LEU A 182 10.09 -14.34 6.31
N ALA A 183 10.77 -14.53 7.45
CA ALA A 183 10.99 -15.89 7.93
C ALA A 183 9.66 -16.60 8.18
N TYR A 184 8.70 -15.88 8.77
CA TYR A 184 7.45 -16.51 9.14
C TYR A 184 6.70 -17.03 7.91
N VAL A 185 6.48 -16.19 6.89
CA VAL A 185 5.63 -16.61 5.78
C VAL A 185 6.33 -17.68 4.93
N ARG A 186 7.64 -17.52 4.68
CA ARG A 186 8.37 -18.52 3.90
C ARG A 186 8.41 -19.87 4.59
N GLY A 187 8.42 -19.92 5.92
CA GLY A 187 8.46 -21.21 6.58
C GLY A 187 7.10 -21.80 6.85
N SER A 188 6.04 -20.98 6.77
CA SER A 188 4.72 -21.45 7.14
C SER A 188 4.04 -22.13 5.96
N SER A 189 3.45 -23.27 6.22
CA SER A 189 2.70 -23.92 5.14
C SER A 189 1.37 -23.21 4.85
N SER A 190 1.02 -22.17 5.61
CA SER A 190 -0.19 -21.42 5.29
C SER A 190 0.02 -20.37 4.22
N PHE A 191 1.24 -20.22 3.70
CA PHE A 191 1.54 -19.19 2.73
C PHE A 191 2.40 -19.76 1.62
N GLU A 192 2.10 -19.37 0.38
CA GLU A 192 2.94 -19.67 -0.78
C GLU A 192 3.60 -18.35 -1.19
N CYS A 193 4.93 -18.33 -1.15
CA CYS A 193 5.67 -17.07 -1.25
C CYS A 193 6.41 -16.96 -2.57
N THR A 194 6.46 -15.74 -3.10
CA THR A 194 7.30 -15.42 -4.26
C THR A 194 8.01 -14.11 -3.97
N HIS A 195 9.28 -14.03 -4.34
CA HIS A 195 10.07 -12.81 -4.16
C HIS A 195 10.25 -12.11 -5.50
N TYR A 196 10.05 -10.79 -5.51
CA TYR A 196 10.17 -9.93 -6.69
C TYR A 196 11.28 -8.94 -6.40
N SER A 197 12.46 -9.21 -6.93
CA SER A 197 13.61 -8.35 -6.65
C SER A 197 13.50 -7.05 -7.42
N SER A 198 13.75 -5.92 -6.74
CA SER A 198 13.70 -4.62 -7.40
C SER A 198 14.71 -3.68 -6.77
N TYR A 199 14.33 -2.42 -6.61
CA TYR A 199 15.21 -1.38 -6.07
C TYR A 199 14.41 -0.46 -5.16
N LEU A 200 15.09 0.03 -4.12
CA LEU A 200 14.48 1.01 -3.23
C LEU A 200 14.03 2.22 -4.05
N GLU A 201 12.89 2.81 -3.66
CA GLU A 201 12.36 3.96 -4.37
C GLU A 201 13.43 5.03 -4.57
N TYR A 202 13.53 5.51 -5.82
CA TYR A 202 14.41 6.60 -6.22
C TYR A 202 15.88 6.33 -5.95
N MET A 203 16.28 5.06 -5.75
CA MET A 203 17.68 4.70 -5.49
C MET A 203 18.02 3.41 -6.24
N LYS A 204 19.30 3.02 -6.17
CA LYS A 204 19.77 1.78 -6.76
C LYS A 204 20.12 0.73 -5.71
N VAL A 205 19.75 0.97 -4.46
CA VAL A 205 19.83 -0.06 -3.44
C VAL A 205 18.86 -1.19 -3.76
N VAL A 206 19.34 -2.44 -3.66
CA VAL A 206 18.44 -3.56 -3.90
C VAL A 206 17.40 -3.61 -2.79
N ASP A 207 16.15 -3.83 -3.19
CA ASP A 207 15.04 -4.11 -2.30
C ASP A 207 14.16 -5.13 -3.03
N GLY A 208 13.06 -5.53 -2.40
CA GLY A 208 12.15 -6.40 -3.12
C GLY A 208 10.80 -6.43 -2.46
N LEU A 209 9.84 -6.98 -3.19
CA LEU A 209 8.50 -7.22 -2.66
C LEU A 209 8.34 -8.72 -2.47
N GLU A 210 7.70 -9.11 -1.37
CA GLU A 210 7.33 -10.50 -1.18
C GLU A 210 5.84 -10.63 -1.40
N LYS A 211 5.44 -11.61 -2.20
CA LYS A 211 4.04 -11.97 -2.34
C LYS A 211 3.85 -13.24 -1.53
N ALA A 212 2.88 -13.22 -0.62
CA ALA A 212 2.61 -14.35 0.26
C ALA A 212 1.12 -14.62 0.15
N ILE A 213 0.76 -15.75 -0.46
CA ILE A 213 -0.63 -16.08 -0.70
C ILE A 213 -1.11 -17.02 0.38
N TYR A 214 -2.05 -16.55 1.19
CA TYR A 214 -2.62 -17.36 2.24
C TYR A 214 -3.26 -18.59 1.62
N GLN A 215 -2.99 -19.74 2.22
CA GLN A 215 -3.45 -21.03 1.72
C GLN A 215 -4.58 -21.60 2.55
N GLY A 216 -5.08 -20.86 3.54
CA GLY A 216 -6.15 -21.37 4.37
C GLY A 216 -5.69 -22.01 5.66
MG MG B . 7.77 1.16 1.74
N SAH C . 2.55 2.87 1.14
CA SAH C . 2.93 4.30 0.98
CB SAH C . 4.06 4.73 1.91
CG SAH C . 3.84 4.28 3.35
SD SAH C . 5.12 4.99 4.44
C SAH C . 3.41 4.54 -0.44
O SAH C . 3.97 3.54 -0.96
OXT SAH C . 3.16 5.69 -0.92
C5' SAH C . 4.75 4.16 6.00
C4' SAH C . 3.50 4.76 6.59
O4' SAH C . 3.01 3.82 7.57
C3' SAH C . 3.78 6.06 7.36
O3' SAH C . 2.92 7.07 6.84
C2' SAH C . 3.36 5.71 8.79
O2' SAH C . 2.67 6.79 9.44
C1' SAH C . 2.35 4.61 8.57
N9 SAH C . 2.16 3.69 9.66
C8 SAH C . 3.19 3.16 10.39
N7 SAH C . 2.75 2.31 11.30
C5 SAH C . 1.38 2.28 11.15
C6 SAH C . 0.36 1.59 11.81
N6 SAH C . 0.60 0.71 12.86
N1 SAH C . -0.92 1.80 11.39
C2 SAH C . -1.14 2.66 10.36
N3 SAH C . -0.23 3.38 9.68
C4 SAH C . 1.01 3.14 10.12
C4 FGQ D . 11.41 3.33 5.10
C5 FGQ D . 10.03 2.99 5.10
C6 FGQ D . 9.39 2.62 3.89
C8 FGQ D . 7.37 2.31 4.99
C10 FGQ D . 9.26 3.00 6.27
C13 FGQ D . 10.70 5.52 8.05
C15 FGQ D . 10.67 7.91 7.64
C17 FGQ D . 12.10 6.50 6.28
C1 FGQ D . 10.16 2.59 2.72
C12 FGQ D . 11.64 5.40 7.01
C14 FGQ D . 10.23 6.78 8.36
C16 FGQ D . 11.60 7.76 6.61
C18 FGQ D . 10.13 9.26 7.99
C2 FGQ D . 11.52 2.94 2.75
C3 FGQ D . 12.15 3.31 3.92
C9 FGQ D . 7.91 2.66 6.22
F21 FGQ D . 12.23 2.92 1.62
N7 FGQ D . 8.08 2.28 3.84
O19 FGQ D . 13.65 4.05 6.24
O20 FGQ D . 11.82 2.89 7.64
O22 FGQ D . 9.55 2.23 1.53
S11 FGQ D . 12.26 3.81 6.60
S DMS E . 10.44 3.36 12.01
O DMS E . 11.36 4.38 11.38
C1 DMS E . 11.44 2.02 12.72
C2 DMS E . 9.84 4.13 13.55
#